data_4BAZ
#
_entry.id   4BAZ
#
_cell.length_a   83.740
_cell.length_b   83.740
_cell.length_c   140.250
_cell.angle_alpha   90.00
_cell.angle_beta   90.00
_cell.angle_gamma   90.00
#
_symmetry.space_group_name_H-M   'P 41 21 2'
#
loop_
_entity.id
_entity.type
_entity.pdbx_description
1 polymer 'PROBABLE EPOXIDE HYDROLASE'
2 non-polymer 'SULFATE ION'
3 non-polymer GLYCEROL
4 non-polymer 'CHLORIDE ION'
5 water water
#
_entity_poly.entity_id   1
_entity_poly.type   'polypeptide(L)'
_entity_poly.pdbx_seq_one_letter_code
;SMNTDPLLPGFDYLTLHTSAARLRVAVKGSGPPLLLLHGYPQTHLAWHRIAPRLAEDYSVVLADLRGYGESRALDEEGAD
YSKAALARDQLETMGQLGFERFAVIGHDRGARVGYRLALDHPQAVAAFVSLTVVPILDNWAAVNKVFALNAYHWFLLAQP
YDLPERLIGADPEHFLDYTLRRMAQGRDIYHPQALESYRRAFRDPAVRHAMCEDYRAAVGVDADADQADRDAGRRLQCPV
QVLWEERPYAAGQHPLEIWKTWAGQVEGAAIGASHMLPEDAPDAVLEHLLGFLASHREALR
;
_entity_poly.pdbx_strand_id   A
#
loop_
_chem_comp.id
_chem_comp.type
_chem_comp.name
_chem_comp.formula
CL non-polymer 'CHLORIDE ION' 'Cl -1'
GOL non-polymer GLYCEROL 'C3 H8 O3'
SO4 non-polymer 'SULFATE ION' 'O4 S -2'
#
# COMPACT_ATOMS: atom_id res chain seq x y z
N THR A 4 13.04 21.37 12.48
CA THR A 4 12.28 20.31 11.77
C THR A 4 12.72 20.24 10.31
N ASP A 5 12.83 19.04 9.81
CA ASP A 5 13.22 18.87 8.45
C ASP A 5 12.02 19.14 7.49
N PRO A 6 12.33 19.63 6.30
CA PRO A 6 11.19 19.67 5.34
C PRO A 6 10.67 18.31 4.81
N LEU A 7 9.51 18.34 4.20
CA LEU A 7 8.88 17.18 3.66
C LEU A 7 9.44 16.92 2.22
N LEU A 8 9.89 15.74 2.05
CA LEU A 8 10.33 15.19 0.79
C LEU A 8 11.25 16.15 0.05
N PRO A 9 12.37 16.49 0.70
CA PRO A 9 13.30 17.40 0.02
C PRO A 9 13.84 16.81 -1.27
N GLY A 10 13.82 17.63 -2.31
CA GLY A 10 14.37 17.25 -3.60
C GLY A 10 13.50 16.34 -4.45
N PHE A 11 12.29 16.01 -3.99
CA PHE A 11 11.36 15.22 -4.79
C PHE A 11 10.67 16.08 -5.85
N ASP A 12 10.66 15.56 -7.07
CA ASP A 12 10.06 16.22 -8.23
C ASP A 12 8.63 15.69 -8.38
N TYR A 13 7.66 16.61 -8.26
CA TYR A 13 6.25 16.29 -8.33
C TYR A 13 5.76 16.32 -9.78
N LEU A 14 5.14 15.21 -10.19
CA LEU A 14 4.69 14.99 -11.54
C LEU A 14 3.22 14.59 -11.55
N THR A 15 2.55 14.85 -12.66
CA THR A 15 1.25 14.27 -12.93
C THR A 15 1.36 13.44 -14.18
N LEU A 16 1.14 12.14 -14.09
CA LEU A 16 1.24 11.21 -15.22
C LEU A 16 -0.16 10.95 -15.76
N HIS A 17 -0.25 10.88 -17.08
CA HIS A 17 -1.49 10.65 -17.81
C HIS A 17 -1.42 9.28 -18.42
N THR A 18 -2.25 8.38 -17.93
CA THR A 18 -2.24 7.02 -18.40
C THR A 18 -3.55 6.76 -19.08
N SER A 19 -3.68 5.52 -19.54
CA SER A 19 -4.82 5.09 -20.30
C SER A 19 -6.14 5.32 -19.53
N ALA A 20 -6.09 5.16 -18.21
CA ALA A 20 -7.29 5.12 -17.39
C ALA A 20 -7.28 6.10 -16.19
N ALA A 21 -6.19 6.86 -16.02
CA ALA A 21 -6.03 7.63 -14.80
C ALA A 21 -5.10 8.83 -15.03
N ARG A 22 -5.21 9.78 -14.11
CA ARG A 22 -4.30 10.88 -13.95
C ARG A 22 -3.69 10.70 -12.57
N LEU A 23 -2.39 10.42 -12.53
CA LEU A 23 -1.72 9.96 -11.32
C LEU A 23 -0.72 10.95 -10.77
N ARG A 24 -0.78 11.23 -9.46
CA ARG A 24 0.20 12.07 -8.76
CA ARG A 24 0.19 12.08 -8.80
C ARG A 24 1.37 11.19 -8.39
N VAL A 25 2.56 11.60 -8.80
CA VAL A 25 3.78 10.88 -8.63
CA VAL A 25 3.77 10.88 -8.43
C VAL A 25 4.83 11.88 -8.07
N ALA A 26 5.72 11.43 -7.22
CA ALA A 26 6.86 12.25 -6.79
C ALA A 26 8.12 11.35 -6.87
N VAL A 27 9.18 11.88 -7.46
CA VAL A 27 10.37 11.06 -7.73
C VAL A 27 11.66 11.74 -7.26
N LYS A 28 12.62 10.90 -6.87
CA LYS A 28 13.97 11.38 -6.53
CA LYS A 28 13.97 11.37 -6.51
C LYS A 28 14.96 10.23 -6.59
N GLY A 29 16.19 10.55 -6.96
CA GLY A 29 17.26 9.61 -6.76
C GLY A 29 17.84 9.06 -8.03
N SER A 30 18.67 8.06 -7.84
CA SER A 30 19.47 7.41 -8.89
C SER A 30 19.78 6.02 -8.40
N GLY A 31 19.83 5.09 -9.35
CA GLY A 31 20.06 3.70 -9.02
C GLY A 31 18.87 2.82 -9.28
N PRO A 32 18.90 1.61 -8.72
CA PRO A 32 17.79 0.71 -8.99
C PRO A 32 16.46 1.30 -8.53
N PRO A 33 15.40 1.02 -9.28
CA PRO A 33 14.10 1.65 -8.98
C PRO A 33 13.30 0.95 -7.90
N LEU A 34 12.71 1.77 -7.01
CA LEU A 34 11.79 1.36 -5.98
C LEU A 34 10.50 2.15 -6.17
N LEU A 35 9.38 1.45 -6.09
CA LEU A 35 8.04 2.08 -6.11
C LEU A 35 7.43 1.86 -4.72
N LEU A 36 7.05 2.96 -4.05
CA LEU A 36 6.49 2.93 -2.71
C LEU A 36 5.04 3.32 -2.78
N LEU A 37 4.18 2.42 -2.22
CA LEU A 37 2.72 2.53 -2.33
C LEU A 37 2.05 2.62 -0.93
N HIS A 38 1.47 3.78 -0.65
CA HIS A 38 0.79 4.03 0.63
C HIS A 38 -0.50 3.24 0.75
N GLY A 39 -1.11 3.40 1.91
CA GLY A 39 -2.41 2.80 2.18
C GLY A 39 -3.50 3.79 2.63
N TYR A 40 -4.50 3.22 3.31
CA TYR A 40 -5.69 3.94 3.70
C TYR A 40 -5.54 4.51 5.11
N PRO A 41 -6.07 5.70 5.37
CA PRO A 41 -6.72 6.69 4.50
C PRO A 41 -5.74 7.81 4.11
N GLN A 42 -4.63 7.43 3.49
CA GLN A 42 -3.48 8.31 3.39
C GLN A 42 -3.15 8.62 1.93
N THR A 43 -1.94 9.13 1.74
CA THR A 43 -1.40 9.50 0.43
C THR A 43 0.07 9.15 0.46
N HIS A 44 0.78 9.47 -0.65
CA HIS A 44 2.20 9.20 -0.76
C HIS A 44 3.03 9.88 0.32
N LEU A 45 2.49 10.92 0.96
CA LEU A 45 3.23 11.58 2.03
C LEU A 45 3.50 10.71 3.23
N ALA A 46 2.78 9.60 3.36
CA ALA A 46 3.02 8.68 4.43
C ALA A 46 4.48 8.17 4.46
N TRP A 47 5.12 8.24 3.29
CA TRP A 47 6.50 7.80 3.17
C TRP A 47 7.53 8.88 3.51
N HIS A 48 7.14 10.04 4.03
CA HIS A 48 8.07 11.14 4.17
C HIS A 48 9.27 10.88 5.08
N ARG A 49 9.16 9.95 6.05
CA ARG A 49 10.29 9.64 6.92
C ARG A 49 11.22 8.54 6.38
N ILE A 50 10.83 7.92 5.26
CA ILE A 50 11.55 6.78 4.71
C ILE A 50 12.12 7.08 3.32
N ALA A 51 11.34 7.71 2.45
CA ALA A 51 11.73 7.92 1.09
C ALA A 51 13.01 8.72 0.91
N PRO A 52 13.23 9.78 1.68
CA PRO A 52 14.49 10.51 1.47
C PRO A 52 15.74 9.66 1.70
N ARG A 53 15.75 8.85 2.74
CA ARG A 53 16.92 7.99 2.95
C ARG A 53 17.08 7.02 1.79
N LEU A 54 15.99 6.43 1.33
CA LEU A 54 16.11 5.49 0.23
C LEU A 54 16.69 6.15 -1.01
N ALA A 55 16.29 7.39 -1.27
CA ALA A 55 16.74 8.10 -2.47
C ALA A 55 18.23 8.43 -2.46
N GLU A 56 18.90 8.23 -1.34
CA GLU A 56 20.35 8.35 -1.32
C GLU A 56 21.08 7.26 -2.08
N ASP A 57 20.38 6.12 -2.27
CA ASP A 57 20.96 4.95 -2.88
C ASP A 57 20.18 4.33 -4.03
N TYR A 58 18.93 4.77 -4.22
CA TYR A 58 18.01 4.18 -5.19
C TYR A 58 17.27 5.26 -5.94
N SER A 59 16.66 4.86 -7.03
CA SER A 59 15.65 5.67 -7.69
C SER A 59 14.32 5.44 -7.01
N VAL A 60 13.73 6.45 -6.41
CA VAL A 60 12.51 6.30 -5.62
C VAL A 60 11.32 6.98 -6.31
N VAL A 61 10.25 6.21 -6.45
CA VAL A 61 9.00 6.68 -7.03
C VAL A 61 7.91 6.50 -5.97
N LEU A 62 7.26 7.61 -5.63
CA LEU A 62 6.09 7.64 -4.72
C LEU A 62 4.86 7.97 -5.55
N ALA A 63 3.77 7.27 -5.33
CA ALA A 63 2.53 7.55 -6.05
C ALA A 63 1.36 7.56 -5.13
N ASP A 64 0.36 8.38 -5.47
CA ASP A 64 -0.97 8.26 -4.85
C ASP A 64 -1.71 7.16 -5.62
N LEU A 65 -2.30 6.23 -4.90
CA LEU A 65 -3.13 5.20 -5.51
C LEU A 65 -4.31 5.83 -6.25
N ARG A 66 -4.78 5.17 -7.31
CA ARG A 66 -5.92 5.65 -8.06
C ARG A 66 -7.09 5.99 -7.14
N GLY A 67 -7.53 7.22 -7.17
CA GLY A 67 -8.67 7.68 -6.35
C GLY A 67 -8.30 8.27 -5.02
N TYR A 68 -7.12 7.95 -4.51
CA TYR A 68 -6.60 8.50 -3.27
C TYR A 68 -5.81 9.76 -3.54
N GLY A 69 -5.66 10.63 -2.55
CA GLY A 69 -4.84 11.79 -2.70
C GLY A 69 -5.27 12.63 -3.89
N GLU A 70 -4.29 12.88 -4.78
CA GLU A 70 -4.50 13.64 -5.99
C GLU A 70 -4.63 12.81 -7.23
N SER A 71 -4.62 11.49 -7.11
CA SER A 71 -4.79 10.59 -8.27
C SER A 71 -6.26 10.36 -8.53
N ARG A 72 -6.65 10.36 -9.81
CA ARG A 72 -8.04 10.22 -10.17
C ARG A 72 -8.18 9.27 -11.36
N ALA A 73 -9.23 8.47 -11.34
CA ALA A 73 -9.66 7.77 -12.48
C ALA A 73 -10.21 8.76 -13.53
N LEU A 74 -9.97 8.48 -14.79
CA LEU A 74 -10.55 9.29 -15.89
C LEU A 74 -12.05 9.05 -16.02
N ASP A 75 -12.51 7.86 -15.65
CA ASP A 75 -13.95 7.50 -15.65
C ASP A 75 -14.52 7.39 -17.05
N GLY A 78 -17.99 5.09 -13.22
CA GLY A 78 -17.83 3.64 -13.04
C GLY A 78 -16.42 3.06 -13.22
N ALA A 79 -15.41 3.78 -12.79
CA ALA A 79 -14.05 3.30 -12.91
C ALA A 79 -13.78 2.01 -12.14
N ASP A 80 -12.79 1.27 -12.57
CA ASP A 80 -12.32 0.06 -11.92
C ASP A 80 -11.30 0.43 -10.82
N TYR A 81 -11.61 0.11 -9.57
CA TYR A 81 -10.70 0.34 -8.47
C TYR A 81 -10.18 -0.97 -7.88
N SER A 82 -10.23 -2.06 -8.64
CA SER A 82 -9.64 -3.31 -8.21
C SER A 82 -8.13 -3.20 -8.09
N LYS A 83 -7.54 -4.07 -7.28
CA LYS A 83 -6.08 -4.11 -7.17
C LYS A 83 -5.45 -4.35 -8.54
N ALA A 84 -6.07 -5.20 -9.35
CA ALA A 84 -5.51 -5.50 -10.68
C ALA A 84 -5.41 -4.22 -11.53
N ALA A 85 -6.44 -3.37 -11.49
CA ALA A 85 -6.44 -2.10 -12.23
C ALA A 85 -5.35 -1.18 -11.69
N LEU A 86 -5.26 -1.06 -10.36
CA LEU A 86 -4.24 -0.19 -9.79
C LEU A 86 -2.83 -0.77 -10.06
N ALA A 87 -2.71 -2.09 -10.17
CA ALA A 87 -1.43 -2.70 -10.52
C ALA A 87 -1.02 -2.24 -11.94
N ARG A 88 -1.98 -2.25 -12.87
CA ARG A 88 -1.70 -1.77 -14.23
C ARG A 88 -1.26 -0.32 -14.20
N ASP A 89 -1.87 0.51 -13.34
CA ASP A 89 -1.41 1.87 -13.17
C ASP A 89 0.06 1.93 -12.80
N GLN A 90 0.50 1.02 -11.96
CA GLN A 90 1.87 1.01 -11.55
C GLN A 90 2.81 0.60 -12.67
N LEU A 91 2.43 -0.39 -13.45
CA LEU A 91 3.23 -0.79 -14.62
CA LEU A 91 3.21 -0.83 -14.61
C LEU A 91 3.39 0.39 -15.55
N GLU A 92 2.30 1.10 -15.81
CA GLU A 92 2.32 2.24 -16.75
CA GLU A 92 2.35 2.24 -16.73
C GLU A 92 3.15 3.41 -16.16
N THR A 93 3.01 3.67 -14.86
CA THR A 93 3.76 4.69 -14.19
C THR A 93 5.26 4.44 -14.34
N MET A 94 5.68 3.26 -13.90
CA MET A 94 7.10 2.95 -13.91
C MET A 94 7.62 2.95 -15.36
N GLY A 95 6.81 2.40 -16.27
CA GLY A 95 7.23 2.38 -17.67
C GLY A 95 7.44 3.78 -18.23
N GLN A 96 6.51 4.69 -17.95
CA GLN A 96 6.67 6.08 -18.40
C GLN A 96 7.94 6.73 -17.85
N LEU A 97 8.35 6.36 -16.64
CA LEU A 97 9.53 6.92 -16.01
C LEU A 97 10.80 6.22 -16.46
N GLY A 98 10.68 5.15 -17.25
CA GLY A 98 11.82 4.43 -17.81
C GLY A 98 12.17 3.08 -17.20
N PHE A 99 11.29 2.53 -16.37
CA PHE A 99 11.54 1.29 -15.67
C PHE A 99 10.57 0.20 -16.04
N GLU A 100 11.09 -0.88 -16.61
CA GLU A 100 10.29 -2.07 -16.92
C GLU A 100 10.29 -3.13 -15.82
N ARG A 101 11.22 -3.00 -14.88
CA ARG A 101 11.45 -3.96 -13.78
CA ARG A 101 11.30 -3.92 -13.75
C ARG A 101 11.84 -3.16 -12.56
N PHE A 102 11.25 -3.43 -11.40
CA PHE A 102 11.46 -2.57 -10.24
C PHE A 102 11.03 -3.29 -8.96
N ALA A 103 11.53 -2.83 -7.83
CA ALA A 103 11.10 -3.33 -6.51
C ALA A 103 9.85 -2.55 -6.08
N VAL A 104 8.99 -3.22 -5.31
CA VAL A 104 7.77 -2.61 -4.82
C VAL A 104 7.73 -2.74 -3.31
N ILE A 105 7.49 -1.62 -2.63
CA ILE A 105 7.38 -1.57 -1.17
C ILE A 105 6.01 -0.96 -0.90
N GLY A 106 5.13 -1.73 -0.26
CA GLY A 106 3.78 -1.27 0.00
C GLY A 106 3.41 -1.37 1.48
N HIS A 107 2.51 -0.45 1.88
CA HIS A 107 1.92 -0.46 3.20
C HIS A 107 0.42 -0.51 3.05
N ASP A 108 -0.25 -1.42 3.78
CA ASP A 108 -1.71 -1.38 3.87
C ASP A 108 -2.25 -1.55 2.44
N ARG A 109 -3.19 -0.74 1.98
CA ARG A 109 -3.78 -1.02 0.66
C ARG A 109 -2.70 -1.08 -0.44
N GLY A 110 -1.64 -0.28 -0.31
CA GLY A 110 -0.57 -0.30 -1.30
C GLY A 110 0.16 -1.61 -1.41
N ALA A 111 0.31 -2.32 -0.29
CA ALA A 111 0.87 -3.67 -0.32
C ALA A 111 -0.07 -4.64 -1.08
N ARG A 112 -1.38 -4.38 -1.03
CA ARG A 112 -2.33 -5.21 -1.75
C ARG A 112 -2.21 -4.97 -3.29
N VAL A 113 -2.06 -3.73 -3.69
CA VAL A 113 -1.72 -3.40 -5.05
C VAL A 113 -0.42 -4.11 -5.44
N GLY A 114 0.56 -4.02 -4.56
CA GLY A 114 1.88 -4.56 -4.85
C GLY A 114 1.91 -6.04 -5.09
N TYR A 115 1.27 -6.84 -4.22
CA TYR A 115 1.35 -8.30 -4.43
C TYR A 115 0.53 -8.72 -5.63
N ARG A 116 -0.56 -8.02 -5.90
CA ARG A 116 -1.34 -8.34 -7.09
C ARG A 116 -0.50 -8.00 -8.36
N LEU A 117 0.24 -6.90 -8.35
CA LEU A 117 1.17 -6.58 -9.42
C LEU A 117 2.17 -7.68 -9.60
N ALA A 118 2.75 -8.16 -8.50
CA ALA A 118 3.76 -9.22 -8.59
C ALA A 118 3.20 -10.53 -9.17
N LEU A 119 1.97 -10.87 -8.80
CA LEU A 119 1.36 -12.08 -9.30
C LEU A 119 0.94 -11.96 -10.76
N ASP A 120 0.40 -10.80 -11.13
CA ASP A 120 -0.09 -10.60 -12.49
C ASP A 120 1.05 -10.34 -13.50
N HIS A 121 2.10 -9.68 -13.04
CA HIS A 121 3.19 -9.22 -13.87
C HIS A 121 4.56 -9.57 -13.27
N PRO A 122 4.84 -10.86 -13.10
CA PRO A 122 6.05 -11.26 -12.40
C PRO A 122 7.34 -10.75 -13.04
N GLN A 123 7.31 -10.53 -14.35
CA GLN A 123 8.47 -10.02 -15.06
C GLN A 123 8.85 -8.60 -14.62
N ALA A 124 7.89 -7.87 -14.06
CA ALA A 124 8.08 -6.48 -13.70
C ALA A 124 8.56 -6.25 -12.27
N VAL A 125 8.44 -7.25 -11.40
CA VAL A 125 8.66 -7.03 -9.97
C VAL A 125 9.92 -7.78 -9.52
N ALA A 126 10.96 -7.01 -9.23
CA ALA A 126 12.25 -7.54 -8.85
C ALA A 126 12.27 -8.08 -7.40
N ALA A 127 11.49 -7.42 -6.53
CA ALA A 127 11.48 -7.74 -5.09
C ALA A 127 10.23 -7.06 -4.57
N PHE A 128 9.69 -7.63 -3.49
CA PHE A 128 8.44 -7.10 -2.92
C PHE A 128 8.51 -7.06 -1.40
N VAL A 129 8.14 -5.90 -0.83
CA VAL A 129 8.07 -5.74 0.60
C VAL A 129 6.64 -5.35 1.01
N SER A 130 6.07 -6.15 1.91
CA SER A 130 4.77 -5.87 2.49
C SER A 130 4.95 -5.34 3.93
N LEU A 131 4.40 -4.17 4.20
CA LEU A 131 4.29 -3.67 5.58
C LEU A 131 2.86 -3.91 6.06
N THR A 132 2.73 -4.86 6.99
CA THR A 132 1.48 -5.22 7.71
C THR A 132 0.48 -6.09 7.00
N VAL A 133 0.68 -6.40 5.73
CA VAL A 133 -0.32 -7.00 4.90
C VAL A 133 -0.04 -8.43 4.52
N VAL A 134 -1.10 -9.25 4.57
CA VAL A 134 -1.14 -10.55 3.92
C VAL A 134 -2.23 -10.53 2.85
N PRO A 135 -2.27 -11.53 1.94
CA PRO A 135 -3.30 -11.51 0.94
C PRO A 135 -4.72 -11.52 1.51
N ILE A 136 -5.62 -10.85 0.82
CA ILE A 136 -6.99 -10.67 1.28
C ILE A 136 -7.69 -12.03 1.43
N LEU A 137 -7.33 -13.02 0.63
CA LEU A 137 -7.94 -14.34 0.76
C LEU A 137 -7.71 -14.87 2.17
N ASP A 138 -6.50 -14.71 2.68
CA ASP A 138 -6.17 -15.15 4.03
C ASP A 138 -6.92 -14.33 5.09
N ASN A 139 -7.00 -13.03 4.88
CA ASN A 139 -7.77 -12.18 5.82
C ASN A 139 -9.22 -12.67 5.90
N TRP A 140 -9.87 -12.93 4.77
CA TRP A 140 -11.25 -13.30 4.84
C TRP A 140 -11.47 -14.63 5.53
N ALA A 141 -10.53 -15.57 5.41
CA ALA A 141 -10.64 -16.85 6.08
C ALA A 141 -10.58 -16.73 7.58
N ALA A 142 -9.99 -15.64 8.06
CA ALA A 142 -9.78 -15.39 9.49
C ALA A 142 -10.90 -14.64 10.18
N VAL A 143 -11.95 -14.24 9.46
CA VAL A 143 -12.98 -13.42 10.05
C VAL A 143 -13.70 -14.15 11.17
N ASN A 144 -13.76 -13.51 12.33
CA ASN A 144 -14.53 -13.92 13.48
C ASN A 144 -15.02 -12.66 14.20
N LYS A 145 -15.67 -12.85 15.35
CA LYS A 145 -16.27 -11.71 16.07
C LYS A 145 -15.30 -10.55 16.28
N VAL A 146 -14.13 -10.85 16.85
CA VAL A 146 -13.20 -9.78 17.19
C VAL A 146 -12.60 -9.17 15.94
N PHE A 147 -12.34 -9.94 14.91
CA PHE A 147 -11.87 -9.38 13.62
CA PHE A 147 -11.82 -9.30 13.70
C PHE A 147 -12.84 -8.31 13.15
N ALA A 148 -14.10 -8.67 13.13
CA ALA A 148 -15.14 -7.81 12.56
C ALA A 148 -15.37 -6.56 13.42
N LEU A 149 -15.20 -6.68 14.73
CA LEU A 149 -15.25 -5.49 15.59
C LEU A 149 -14.06 -4.57 15.36
N ASN A 150 -12.87 -5.15 15.31
CA ASN A 150 -11.68 -4.32 15.19
C ASN A 150 -11.59 -3.65 13.82
N ALA A 151 -11.95 -4.42 12.79
CA ALA A 151 -11.92 -4.01 11.40
C ALA A 151 -13.34 -3.77 10.83
N TYR A 152 -14.18 -3.10 11.64
CA TYR A 152 -15.58 -2.91 11.26
C TYR A 152 -15.70 -2.21 9.92
N HIS A 153 -14.73 -1.32 9.64
CA HIS A 153 -14.78 -0.54 8.42
C HIS A 153 -14.62 -1.38 7.16
N TRP A 154 -13.98 -2.54 7.28
CA TRP A 154 -13.88 -3.42 6.13
C TRP A 154 -15.25 -3.86 5.61
N PHE A 155 -16.19 -3.92 6.54
CA PHE A 155 -17.54 -4.38 6.26
C PHE A 155 -18.43 -3.17 5.95
N LEU A 156 -18.26 -2.06 6.68
CA LEU A 156 -19.05 -0.85 6.37
C LEU A 156 -18.74 -0.32 4.96
N LEU A 157 -17.45 -0.14 4.64
CA LEU A 157 -17.03 0.53 3.43
C LEU A 157 -17.32 -0.32 2.19
N ALA A 158 -17.54 -1.61 2.40
CA ALA A 158 -17.90 -2.55 1.34
C ALA A 158 -19.41 -2.64 1.05
N GLN A 159 -20.23 -1.97 1.84
CA GLN A 159 -21.67 -2.00 1.59
C GLN A 159 -22.01 -1.34 0.26
N PRO A 160 -23.17 -1.66 -0.32
CA PRO A 160 -23.46 -1.12 -1.66
C PRO A 160 -23.50 0.38 -1.74
N TYR A 161 -23.08 0.89 -2.90
CA TYR A 161 -23.17 2.30 -3.20
C TYR A 161 -24.62 2.77 -2.98
N ASP A 162 -24.88 3.90 -2.31
CA ASP A 162 -23.96 4.85 -1.71
C ASP A 162 -24.04 4.92 -0.19
N LEU A 163 -24.30 3.78 0.44
CA LEU A 163 -24.49 3.73 1.89
CA LEU A 163 -24.50 3.78 1.89
C LEU A 163 -23.27 4.27 2.66
N PRO A 164 -22.06 3.66 2.47
CA PRO A 164 -20.97 4.17 3.27
C PRO A 164 -20.57 5.59 2.89
N GLU A 165 -20.65 5.92 1.58
CA GLU A 165 -20.36 7.28 1.16
C GLU A 165 -21.23 8.28 1.90
N ARG A 166 -22.50 7.96 2.10
CA ARG A 166 -23.37 8.87 2.83
C ARG A 166 -22.97 9.03 4.28
N LEU A 167 -22.61 7.91 4.91
CA LEU A 167 -22.27 7.96 6.32
C LEU A 167 -20.94 8.66 6.59
N ILE A 168 -19.89 8.33 5.84
CA ILE A 168 -18.58 8.93 6.07
C ILE A 168 -18.46 10.33 5.51
N GLY A 169 -19.37 10.72 4.63
CA GLY A 169 -19.35 12.02 3.97
C GLY A 169 -19.98 13.18 4.71
N ALA A 170 -20.71 12.89 5.76
CA ALA A 170 -21.41 13.94 6.46
C ALA A 170 -20.45 14.86 7.24
N ASP A 171 -19.46 14.28 7.93
CA ASP A 171 -18.41 15.05 8.59
C ASP A 171 -17.11 14.33 8.32
N PRO A 172 -16.56 14.59 7.15
CA PRO A 172 -15.40 13.82 6.72
C PRO A 172 -14.21 13.97 7.64
N GLU A 173 -13.90 15.18 8.09
CA GLU A 173 -12.69 15.35 8.90
C GLU A 173 -12.84 14.65 10.24
N HIS A 174 -14.06 14.59 10.80
CA HIS A 174 -14.23 13.83 12.05
C HIS A 174 -13.84 12.37 11.83
N PHE A 175 -14.35 11.78 10.77
CA PHE A 175 -14.14 10.37 10.54
C PHE A 175 -12.66 10.11 10.23
N LEU A 176 -12.05 10.97 9.43
CA LEU A 176 -10.63 10.84 9.04
CA LEU A 176 -10.67 10.77 9.06
C LEU A 176 -9.76 10.89 10.30
N ASP A 177 -9.99 11.93 11.12
CA ASP A 177 -9.17 12.11 12.30
C ASP A 177 -9.35 10.95 13.27
N TYR A 178 -10.59 10.50 13.49
CA TYR A 178 -10.85 9.36 14.36
C TYR A 178 -10.10 8.12 13.87
N THR A 179 -10.19 7.88 12.57
CA THR A 179 -9.57 6.72 11.97
C THR A 179 -8.05 6.75 12.10
N LEU A 180 -7.43 7.90 11.82
CA LEU A 180 -5.98 7.98 11.95
C LEU A 180 -5.52 7.77 13.40
N ARG A 181 -6.27 8.33 14.35
CA ARG A 181 -5.93 8.17 15.77
C ARG A 181 -6.05 6.70 16.16
N ARG A 182 -7.11 6.05 15.70
CA ARG A 182 -7.31 4.64 16.03
C ARG A 182 -6.20 3.75 15.45
N MET A 183 -5.87 3.97 14.19
CA MET A 183 -4.85 3.20 13.51
C MET A 183 -3.48 3.37 14.13
N ALA A 184 -3.21 4.58 14.68
CA ALA A 184 -1.95 4.88 15.35
C ALA A 184 -1.96 4.51 16.84
N GLN A 185 -3.04 3.91 17.34
CA GLN A 185 -3.15 3.60 18.76
C GLN A 185 -2.92 4.87 19.61
N GLY A 186 -3.39 6.01 19.11
CA GLY A 186 -3.24 7.29 19.82
C GLY A 186 -1.87 7.91 19.88
N ARG A 187 -0.92 7.33 19.14
CA ARG A 187 0.46 7.79 19.18
C ARG A 187 0.59 9.02 18.27
N ASP A 188 1.46 9.97 18.66
CA ASP A 188 1.58 11.25 17.97
C ASP A 188 2.59 11.12 16.84
N ILE A 189 2.12 10.54 15.75
CA ILE A 189 2.99 10.16 14.63
C ILE A 189 2.73 10.93 13.37
N TYR A 190 1.70 11.75 13.34
CA TYR A 190 1.34 12.43 12.09
C TYR A 190 1.90 13.84 12.04
N HIS A 191 2.79 14.06 11.09
CA HIS A 191 3.34 15.39 10.83
C HIS A 191 2.15 16.29 10.51
N PRO A 192 2.08 17.49 11.15
CA PRO A 192 0.86 18.29 11.00
C PRO A 192 0.60 18.71 9.55
N GLN A 193 1.64 18.85 8.75
CA GLN A 193 1.45 19.19 7.37
C GLN A 193 1.05 18.02 6.49
N ALA A 194 1.59 16.83 6.76
CA ALA A 194 1.12 15.64 6.08
C ALA A 194 -0.37 15.44 6.42
N LEU A 195 -0.72 15.66 7.67
CA LEU A 195 -2.11 15.53 8.12
C LEU A 195 -3.07 16.40 7.29
N GLU A 196 -2.68 17.64 7.02
CA GLU A 196 -3.55 18.51 6.20
C GLU A 196 -3.78 17.97 4.80
N SER A 197 -2.77 17.29 4.26
CA SER A 197 -2.90 16.67 2.97
C SER A 197 -3.89 15.49 3.02
N TYR A 198 -3.76 14.64 4.04
CA TYR A 198 -4.71 13.53 4.20
C TYR A 198 -6.14 14.08 4.35
N ARG A 199 -6.27 15.13 5.15
CA ARG A 199 -7.60 15.75 5.39
C ARG A 199 -8.18 16.29 4.10
N ARG A 200 -7.37 17.05 3.35
CA ARG A 200 -7.89 17.64 2.11
C ARG A 200 -8.40 16.52 1.20
N ALA A 201 -7.62 15.47 1.02
CA ALA A 201 -8.08 14.40 0.15
C ALA A 201 -9.40 13.79 0.63
N PHE A 202 -9.51 13.55 1.94
CA PHE A 202 -10.70 12.92 2.46
C PHE A 202 -11.94 13.82 2.37
N ARG A 203 -11.74 15.14 2.35
CA ARG A 203 -12.84 16.05 2.15
C ARG A 203 -13.42 16.03 0.72
N ASP A 204 -12.73 15.38 -0.21
CA ASP A 204 -13.20 15.26 -1.59
C ASP A 204 -14.12 14.03 -1.69
N PRO A 205 -15.38 14.21 -2.06
CA PRO A 205 -16.28 13.06 -2.19
C PRO A 205 -15.74 11.98 -3.16
N ALA A 206 -15.02 12.37 -4.20
CA ALA A 206 -14.52 11.38 -5.15
C ALA A 206 -13.50 10.46 -4.50
N VAL A 207 -12.71 11.01 -3.59
CA VAL A 207 -11.70 10.23 -2.83
C VAL A 207 -12.42 9.24 -1.92
N ARG A 208 -13.40 9.71 -1.18
CA ARG A 208 -14.14 8.84 -0.30
C ARG A 208 -14.78 7.69 -1.07
N HIS A 209 -15.38 8.01 -2.24
CA HIS A 209 -15.97 6.99 -3.07
C HIS A 209 -14.93 5.97 -3.52
N ALA A 210 -13.79 6.45 -3.98
CA ALA A 210 -12.72 5.55 -4.42
C ALA A 210 -12.25 4.63 -3.31
N MET A 211 -12.20 5.14 -2.09
CA MET A 211 -11.85 4.31 -0.92
C MET A 211 -12.92 3.23 -0.71
N CYS A 212 -14.20 3.59 -0.79
CA CYS A 212 -15.22 2.56 -0.67
C CYS A 212 -15.08 1.53 -1.78
N GLU A 213 -14.78 1.99 -3.01
CA GLU A 213 -14.62 1.03 -4.12
C GLU A 213 -13.47 0.06 -3.87
N ASP A 214 -12.39 0.55 -3.28
CA ASP A 214 -11.26 -0.31 -2.83
C ASP A 214 -11.76 -1.44 -1.92
N TYR A 215 -12.51 -1.05 -0.89
CA TYR A 215 -13.03 -2.02 0.06
C TYR A 215 -14.05 -2.97 -0.58
N ARG A 216 -14.88 -2.46 -1.51
CA ARG A 216 -15.78 -3.34 -2.27
C ARG A 216 -15.00 -4.37 -3.09
N ALA A 217 -13.95 -3.90 -3.76
CA ALA A 217 -13.11 -4.79 -4.57
C ALA A 217 -12.48 -5.87 -3.70
N ALA A 218 -12.10 -5.49 -2.49
CA ALA A 218 -11.42 -6.44 -1.56
C ALA A 218 -12.31 -7.66 -1.27
N VAL A 219 -13.61 -7.37 -1.08
CA VAL A 219 -14.62 -8.43 -0.85
C VAL A 219 -14.75 -9.29 -2.07
N GLY A 220 -14.81 -8.65 -3.24
CA GLY A 220 -15.19 -9.30 -4.50
C GLY A 220 -14.01 -9.66 -5.38
N VAL A 221 -13.79 -8.88 -6.44
CA VAL A 221 -12.82 -9.27 -7.48
C VAL A 221 -11.44 -9.50 -6.94
N ASP A 222 -10.98 -8.76 -5.91
CA ASP A 222 -9.59 -8.97 -5.44
C ASP A 222 -9.45 -10.37 -4.84
N ALA A 223 -10.45 -10.78 -4.06
CA ALA A 223 -10.44 -12.10 -3.42
C ALA A 223 -10.55 -13.22 -4.45
N ASP A 224 -11.37 -13.00 -5.48
CA ASP A 224 -11.54 -13.95 -6.58
C ASP A 224 -10.17 -14.14 -7.28
N ALA A 225 -9.43 -13.04 -7.48
CA ALA A 225 -8.10 -13.10 -8.15
C ALA A 225 -7.14 -13.90 -7.30
N ASP A 226 -7.15 -13.66 -5.99
CA ASP A 226 -6.27 -14.42 -5.09
C ASP A 226 -6.63 -15.93 -5.15
N GLN A 227 -7.91 -16.25 -5.12
CA GLN A 227 -8.32 -17.65 -5.16
C GLN A 227 -7.87 -18.28 -6.45
N ALA A 228 -7.95 -17.56 -7.58
CA ALA A 228 -7.52 -18.14 -8.86
C ALA A 228 -6.01 -18.46 -8.86
N ASP A 229 -5.20 -17.57 -8.31
CA ASP A 229 -3.78 -17.84 -8.18
C ASP A 229 -3.52 -19.03 -7.25
N ARG A 230 -4.22 -19.08 -6.11
CA ARG A 230 -4.12 -20.24 -5.23
C ARG A 230 -4.48 -21.54 -5.99
N ASP A 231 -5.54 -21.50 -6.74
CA ASP A 231 -6.01 -22.69 -7.48
C ASP A 231 -4.97 -23.13 -8.48
N ALA A 232 -4.34 -22.15 -9.15
CA ALA A 232 -3.33 -22.42 -10.17
C ALA A 232 -1.97 -22.79 -9.59
N GLY A 233 -1.80 -22.62 -8.28
CA GLY A 233 -0.47 -22.79 -7.65
C GLY A 233 0.51 -21.67 -8.02
N ARG A 234 -0.03 -20.50 -8.38
CA ARG A 234 0.84 -19.38 -8.75
CA ARG A 234 0.80 -19.36 -8.76
C ARG A 234 1.33 -18.64 -7.50
N ARG A 235 2.63 -18.41 -7.45
CA ARG A 235 3.28 -17.76 -6.33
C ARG A 235 4.03 -16.54 -6.81
N LEU A 236 4.38 -15.66 -5.88
CA LEU A 236 5.26 -14.54 -6.22
C LEU A 236 6.65 -15.15 -6.56
N GLN A 237 7.28 -14.61 -7.60
CA GLN A 237 8.53 -15.15 -8.17
C GLN A 237 9.79 -14.47 -7.64
N CYS A 238 9.64 -13.38 -6.91
CA CYS A 238 10.73 -12.57 -6.46
C CYS A 238 10.93 -12.77 -4.96
N PRO A 239 12.06 -12.28 -4.43
CA PRO A 239 12.19 -12.27 -2.96
C PRO A 239 11.14 -11.37 -2.34
N VAL A 240 10.64 -11.81 -1.20
CA VAL A 240 9.61 -11.14 -0.42
C VAL A 240 10.13 -10.86 0.99
N GLN A 241 9.87 -9.65 1.47
CA GLN A 241 10.06 -9.30 2.87
C GLN A 241 8.71 -8.85 3.42
N VAL A 242 8.36 -9.33 4.60
CA VAL A 242 7.18 -8.84 5.31
C VAL A 242 7.60 -8.28 6.68
N LEU A 243 7.19 -7.05 6.94
CA LEU A 243 7.43 -6.40 8.22
C LEU A 243 6.05 -6.24 8.87
N TRP A 244 5.90 -6.78 10.06
CA TRP A 244 4.59 -6.84 10.69
C TRP A 244 4.60 -6.14 12.05
N GLU A 245 3.42 -5.70 12.47
CA GLU A 245 3.18 -5.15 13.77
C GLU A 245 3.37 -6.24 14.82
N GLU A 246 4.12 -5.94 15.87
CA GLU A 246 4.31 -6.84 17.01
C GLU A 246 2.98 -6.92 17.79
N ARG A 247 2.31 -8.05 17.62
CA ARG A 247 1.01 -8.35 18.25
C ARG A 247 0.82 -9.84 18.14
N PRO A 248 -0.07 -10.43 18.94
CA PRO A 248 -0.29 -11.88 18.80
C PRO A 248 -0.98 -12.24 17.48
N TYR A 249 -0.56 -13.33 16.87
CA TYR A 249 -1.20 -13.88 15.69
C TYR A 249 -1.72 -15.29 15.97
N ALA A 250 -2.98 -15.54 15.67
CA ALA A 250 -3.56 -16.89 15.84
C ALA A 250 -2.82 -17.88 14.95
N ALA A 251 -2.94 -19.16 15.26
CA ALA A 251 -2.29 -20.20 14.47
C ALA A 251 -2.77 -20.16 13.02
N GLY A 252 -1.81 -20.17 12.10
CA GLY A 252 -2.10 -20.09 10.67
C GLY A 252 -2.19 -18.65 10.18
N GLN A 253 -2.10 -17.69 11.08
CA GLN A 253 -2.29 -16.28 10.73
CA GLN A 253 -2.29 -16.29 10.69
C GLN A 253 -1.03 -15.45 10.84
N HIS A 254 0.10 -16.07 11.17
CA HIS A 254 1.31 -15.27 11.31
C HIS A 254 1.73 -14.79 9.91
N PRO A 255 2.08 -13.51 9.76
CA PRO A 255 2.36 -13.06 8.39
C PRO A 255 3.50 -13.79 7.70
N LEU A 256 4.54 -14.16 8.44
CA LEU A 256 5.65 -14.86 7.79
C LEU A 256 5.20 -16.23 7.28
N GLU A 257 4.40 -16.96 8.08
CA GLU A 257 3.87 -18.25 7.69
C GLU A 257 2.96 -18.10 6.47
N ILE A 258 2.08 -17.10 6.49
CA ILE A 258 1.20 -16.89 5.35
C ILE A 258 2.02 -16.57 4.07
N TRP A 259 2.96 -15.65 4.14
CA TRP A 259 3.73 -15.34 2.93
C TRP A 259 4.50 -16.54 2.38
N LYS A 260 4.98 -17.41 3.26
CA LYS A 260 5.64 -18.64 2.77
C LYS A 260 4.71 -19.56 1.99
N THR A 261 3.40 -19.39 2.12
CA THR A 261 2.48 -20.13 1.26
C THR A 261 2.24 -19.48 -0.10
N TRP A 262 2.71 -18.25 -0.25
CA TRP A 262 2.53 -17.44 -1.46
C TRP A 262 3.80 -17.18 -2.23
N ALA A 263 4.94 -17.60 -1.70
CA ALA A 263 6.23 -17.25 -2.26
C ALA A 263 7.27 -18.20 -1.76
N GLY A 264 8.23 -18.57 -2.59
CA GLY A 264 9.29 -19.43 -2.16
C GLY A 264 10.47 -18.81 -1.46
N GLN A 265 10.61 -17.49 -1.57
CA GLN A 265 11.71 -16.76 -0.97
C GLN A 265 11.16 -15.64 -0.09
N VAL A 266 11.07 -15.91 1.22
CA VAL A 266 10.41 -15.04 2.17
C VAL A 266 11.27 -14.83 3.40
N GLU A 267 11.35 -13.59 3.86
CA GLU A 267 11.93 -13.22 5.14
C GLU A 267 11.11 -12.11 5.76
N GLY A 268 11.41 -11.77 7.01
CA GLY A 268 10.69 -10.71 7.64
C GLY A 268 11.06 -10.46 9.07
N ALA A 269 10.39 -9.51 9.69
CA ALA A 269 10.63 -9.15 11.07
C ALA A 269 9.43 -8.44 11.66
N ALA A 270 9.30 -8.56 12.97
CA ALA A 270 8.34 -7.84 13.79
C ALA A 270 8.90 -6.44 14.09
N ILE A 271 8.01 -5.44 14.10
CA ILE A 271 8.36 -4.10 14.50
CA ILE A 271 8.31 -4.06 14.40
C ILE A 271 7.42 -3.66 15.60
N GLY A 272 8.01 -3.11 16.66
CA GLY A 272 7.27 -2.71 17.85
C GLY A 272 6.69 -1.32 17.72
N ALA A 273 5.67 -1.25 16.89
CA ALA A 273 4.95 -0.01 16.62
C ALA A 273 3.50 -0.35 16.27
N SER A 274 2.72 0.69 16.01
CA SER A 274 1.36 0.53 15.54
C SER A 274 1.32 0.00 14.09
N HIS A 275 0.11 -0.20 13.60
CA HIS A 275 -0.13 -0.55 12.20
C HIS A 275 0.51 0.46 11.25
N MET A 276 0.67 1.72 11.66
CA MET A 276 1.14 2.78 10.77
CA MET A 276 1.14 2.78 10.77
C MET A 276 2.66 2.79 10.70
N LEU A 277 3.24 1.69 10.27
CA LEU A 277 4.69 1.50 10.32
C LEU A 277 5.50 2.61 9.64
N PRO A 278 5.08 3.08 8.43
CA PRO A 278 5.89 4.11 7.79
C PRO A 278 6.15 5.36 8.61
N GLU A 279 5.14 5.82 9.33
CA GLU A 279 5.25 7.02 10.10
C GLU A 279 5.67 6.78 11.55
N ASP A 280 5.29 5.62 12.09
CA ASP A 280 5.53 5.32 13.51
C ASP A 280 6.94 4.74 13.75
N ALA A 281 7.45 3.94 12.83
CA ALA A 281 8.73 3.26 13.03
C ALA A 281 9.66 3.35 11.80
N PRO A 282 9.89 4.59 11.30
CA PRO A 282 10.64 4.69 10.04
C PRO A 282 12.08 4.16 10.16
N ASP A 283 12.72 4.39 11.32
CA ASP A 283 14.13 3.94 11.42
C ASP A 283 14.22 2.41 11.41
N ALA A 284 13.34 1.76 12.15
CA ALA A 284 13.29 0.30 12.10
C ALA A 284 12.96 -0.25 10.73
N VAL A 285 11.99 0.38 10.08
CA VAL A 285 11.63 -0.02 8.72
C VAL A 285 12.85 0.14 7.79
N LEU A 286 13.48 1.30 7.84
CA LEU A 286 14.64 1.58 6.97
C LEU A 286 15.75 0.53 7.20
N GLU A 287 16.05 0.19 8.47
CA GLU A 287 17.10 -0.78 8.71
C GLU A 287 16.80 -2.10 7.96
N HIS A 288 15.58 -2.57 8.11
CA HIS A 288 15.19 -3.80 7.48
C HIS A 288 15.17 -3.68 5.97
N LEU A 289 14.59 -2.60 5.44
CA LEU A 289 14.50 -2.41 3.98
C LEU A 289 15.89 -2.36 3.38
N LEU A 290 16.76 -1.54 3.95
CA LEU A 290 18.08 -1.38 3.39
C LEU A 290 18.85 -2.68 3.37
N GLY A 291 18.72 -3.46 4.44
CA GLY A 291 19.39 -4.75 4.48
C GLY A 291 18.87 -5.73 3.43
N PHE A 292 17.57 -5.74 3.26
CA PHE A 292 16.91 -6.61 2.29
C PHE A 292 17.33 -6.24 0.87
N LEU A 293 17.25 -4.96 0.53
CA LEU A 293 17.57 -4.54 -0.83
C LEU A 293 19.06 -4.80 -1.10
N ALA A 294 19.91 -4.56 -0.11
CA ALA A 294 21.36 -4.88 -0.26
C ALA A 294 21.63 -6.38 -0.44
N SER A 295 20.92 -7.23 0.32
CA SER A 295 21.16 -8.67 0.21
CA SER A 295 21.07 -8.69 0.24
C SER A 295 20.65 -9.26 -1.11
N HIS A 296 19.67 -8.60 -1.74
CA HIS A 296 19.12 -9.04 -3.01
C HIS A 296 19.53 -8.13 -4.14
N ARG A 297 20.71 -7.53 -4.00
CA ARG A 297 21.16 -6.59 -5.01
C ARG A 297 21.23 -7.22 -6.42
N GLU A 298 21.57 -8.51 -6.51
CA GLU A 298 21.55 -9.25 -7.77
C GLU A 298 20.16 -9.33 -8.40
N ALA A 299 19.13 -9.54 -7.56
CA ALA A 299 17.74 -9.62 -8.01
C ALA A 299 17.28 -8.30 -8.70
N LEU A 300 17.88 -7.19 -8.29
CA LEU A 300 17.49 -5.89 -8.76
C LEU A 300 18.09 -5.64 -10.13
N ARG A 301 19.15 -6.38 -10.50
CA ARG A 301 19.84 -6.18 -11.79
C ARG A 301 18.94 -6.62 -12.96
S SO4 B . 9.33 14.80 11.64
O1 SO4 B . 9.94 16.01 11.07
O2 SO4 B . 7.88 14.96 11.75
O3 SO4 B . 9.91 14.61 13.00
O4 SO4 B . 9.57 13.64 10.72
S SO4 C . -8.41 0.01 -16.24
O1 SO4 C . -8.37 0.46 -17.70
O2 SO4 C . -9.28 0.88 -15.47
O3 SO4 C . -7.04 0.11 -15.63
O4 SO4 C . -8.91 -1.43 -16.22
S SO4 D . -2.94 22.83 -5.10
O1 SO4 D . -2.09 23.88 -5.71
O2 SO4 D . -4.22 23.52 -4.75
O3 SO4 D . -2.35 22.19 -3.93
O4 SO4 D . -3.33 21.79 -6.11
S SO4 E . 11.94 4.31 14.89
O1 SO4 E . 11.87 5.49 13.96
O2 SO4 E . 10.74 4.55 15.78
O3 SO4 E . 13.13 4.45 15.75
O4 SO4 E . 11.88 2.93 14.34
S SO4 F . 1.96 19.29 -11.03
O1 SO4 F . 2.26 20.30 -12.06
O2 SO4 F . 0.54 19.45 -10.60
O3 SO4 F . 2.87 19.54 -9.88
O4 SO4 F . 2.16 17.93 -11.57
S SO4 G . 22.46 4.73 7.31
O1 SO4 G . 23.22 5.56 6.37
O2 SO4 G . 21.02 5.14 7.28
O3 SO4 G . 22.97 4.95 8.68
O4 SO4 G . 22.62 3.31 6.93
S SO4 H . -6.07 20.08 14.44
O1 SO4 H . -5.08 20.22 13.37
O2 SO4 H . -7.42 20.43 13.94
O3 SO4 H . -5.72 20.98 15.55
O4 SO4 H . -6.06 18.70 14.95
S SO4 I . -6.87 -1.72 8.88
O1 SO4 I . -7.36 -1.16 7.61
O2 SO4 I . -7.82 -2.69 9.41
O3 SO4 I . -6.83 -0.63 9.88
O4 SO4 I . -5.59 -2.44 8.76
S SO4 J . -5.21 13.20 14.39
O1 SO4 J . -3.95 12.49 14.74
O2 SO4 J . -5.42 13.44 12.95
O3 SO4 J . -5.23 14.48 15.14
O4 SO4 J . -6.36 12.35 14.76
S SO4 K . -1.80 -19.65 -0.49
O1 SO4 K . -0.97 -19.39 -1.66
O2 SO4 K . -2.51 -18.45 -0.07
O3 SO4 K . -1.07 -20.13 0.63
O4 SO4 K . -2.69 -20.69 -1.07
S SO4 L . 7.10 -21.39 -8.08
O1 SO4 L . 8.19 -20.72 -7.32
O2 SO4 L . 5.82 -21.34 -7.33
O3 SO4 L . 7.38 -22.80 -8.38
O4 SO4 L . 6.83 -20.66 -9.33
C1 GOL M . -12.84 -15.77 -3.24
O1 GOL M . -13.59 -15.94 -4.50
C2 GOL M . -13.04 -17.02 -2.39
O2 GOL M . -12.67 -18.15 -3.13
C3 GOL M . -14.53 -17.24 -2.06
O3 GOL M . -14.91 -16.22 -1.15
CL CL N . -4.81 -3.42 4.49
C1 GOL O . 1.43 17.17 -1.98
O1 GOL O . 1.55 18.13 -0.90
C2 GOL O . 1.18 17.90 -3.32
O2 GOL O . 1.01 16.97 -4.39
C3 GOL O . 2.40 18.78 -3.67
O3 GOL O . 2.18 19.56 -4.85
C1 GOL P . -14.42 -1.97 -9.10
O1 GOL P . -14.22 -0.61 -8.57
C2 GOL P . -14.79 -2.99 -7.99
O2 GOL P . -15.54 -4.16 -8.51
C3 GOL P . -15.46 -2.34 -6.76
O3 GOL P . -16.91 -2.17 -6.93
C1 GOL Q . -8.32 15.23 -3.53
O1 GOL Q . -8.74 14.92 -4.90
C2 GOL Q . -7.02 16.10 -3.54
O2 GOL Q . -7.30 17.49 -3.48
C3 GOL Q . -6.05 15.91 -2.38
O3 GOL Q . -5.35 17.16 -2.03
C1 GOL R . 9.11 18.55 -2.60
O1 GOL R . 8.45 18.20 -1.38
C2 GOL R . 10.00 19.77 -2.43
O2 GOL R . 9.23 20.90 -2.05
C3 GOL R . 10.64 20.05 -3.78
O3 GOL R . 11.55 21.15 -3.67
#